data_4CUQ
#
_entry.id   4CUQ
#
_cell.length_a   82.760
_cell.length_b   96.500
_cell.length_c   57.700
_cell.angle_alpha   90.00
_cell.angle_beta   90.00
_cell.angle_gamma   90.00
#
_symmetry.space_group_name_H-M   'C 2 2 21'
#
loop_
_entity.id
_entity.type
_entity.pdbx_description
1 polymer 'BROMODOMAIN ADJACENT TO ZINC FINGER DOMAIN PROTEIN 2B'
2 non-polymer 4-[(3S)-3-hydroxy-3-methoxypropyl]phenol
3 water water
#
_entity_poly.entity_id   1
_entity_poly.type   'polypeptide(L)'
_entity_poly.pdbx_seq_one_letter_code
;SMSVKKPKRDDSKDLALCSMILTEMETHEDAWPFLLPVNLKLVPGYKKVIKKPMDFSTIREKLSSGQYPNLETFALDVRL
VFDNCETFNEDDSDIGRAGHNMRKYFEKKWTDTFKVS
;
_entity_poly.pdbx_strand_id   A
#
loop_
_chem_comp.id
_chem_comp.type
_chem_comp.name
_chem_comp.formula
5K3 non-polymer 4-[(3S)-3-hydroxy-3-methoxypropyl]phenol 'C10 H14 O3'
#
# COMPACT_ATOMS: atom_id res chain seq x y z
N SER A 1 9.00 3.03 30.12
CA SER A 1 8.05 2.44 31.05
C SER A 1 7.20 3.52 31.71
N MET A 2 6.56 3.19 32.83
CA MET A 2 5.72 4.15 33.54
C MET A 2 6.51 5.40 33.91
N SER A 3 6.04 6.55 33.43
CA SER A 3 6.71 7.84 33.64
C SER A 3 8.13 7.90 33.06
N VAL A 4 8.40 7.08 32.06
CA VAL A 4 9.68 7.09 31.34
C VAL A 4 9.40 7.04 29.85
N LYS A 5 9.33 8.19 29.22
CA LYS A 5 8.97 8.26 27.81
C LYS A 5 10.17 8.47 26.89
N LYS A 6 10.24 7.66 25.83
CA LYS A 6 11.12 7.95 24.70
C LYS A 6 10.71 9.29 24.11
N PRO A 7 11.69 10.05 23.61
CA PRO A 7 11.38 11.28 22.88
C PRO A 7 10.35 11.03 21.79
N LYS A 8 9.28 11.83 21.79
CA LYS A 8 8.17 11.61 20.86
C LYS A 8 8.47 12.17 19.48
N ARG A 9 8.63 11.27 18.51
CA ARG A 9 8.74 11.65 17.11
C ARG A 9 7.50 12.41 16.65
N ASP A 10 7.70 13.50 15.92
CA ASP A 10 6.59 14.34 15.47
C ASP A 10 5.78 13.66 14.36
N ASP A 11 4.53 13.32 14.66
CA ASP A 11 3.72 12.56 13.71
C ASP A 11 2.56 13.36 13.13
N SER A 12 2.52 14.66 13.41
CA SER A 12 1.37 15.50 13.05
C SER A 12 1.17 15.67 11.55
N LYS A 13 2.20 15.40 10.76
CA LYS A 13 2.12 15.56 9.32
C LYS A 13 1.98 14.24 8.57
N ASP A 14 1.94 13.13 9.31
CA ASP A 14 1.93 11.80 8.70
C ASP A 14 0.73 11.58 7.80
N LEU A 15 -0.45 12.04 8.22
CA LEU A 15 -1.66 11.84 7.45
C LEU A 15 -1.51 12.48 6.07
N ALA A 16 -1.05 13.72 6.03
CA ALA A 16 -0.81 14.44 4.78
C ALA A 16 0.29 13.82 3.91
N LEU A 17 1.38 13.38 4.55
CA LEU A 17 2.49 12.80 3.81
C LEU A 17 2.13 11.45 3.19
N CYS A 18 1.42 10.60 3.94
CA CYS A 18 0.93 9.35 3.38
C CYS A 18 -0.03 9.60 2.22
N SER A 19 -0.85 10.65 2.34
CA SER A 19 -1.77 11.00 1.27
C SER A 19 -1.03 11.42 0.01
N MET A 20 0.03 12.20 0.19
CA MET A 20 0.88 12.62 -0.91
C MET A 20 1.53 11.41 -1.61
N ILE A 21 2.06 10.49 -0.81
CA ILE A 21 2.71 9.30 -1.34
C ILE A 21 1.73 8.43 -2.10
N LEU A 22 0.53 8.27 -1.54
CA LEU A 22 -0.51 7.50 -2.20
C LEU A 22 -0.92 8.14 -3.51
N THR A 23 -0.94 9.48 -3.54
CA THR A 23 -1.28 10.20 -4.76
C THR A 23 -0.25 9.92 -5.85
N GLU A 24 1.02 9.87 -5.49
CA GLU A 24 2.06 9.56 -6.48
C GLU A 24 1.95 8.10 -6.91
N MET A 25 1.53 7.22 -6.00
CA MET A 25 1.29 5.82 -6.35
C MET A 25 0.20 5.72 -7.39
N GLU A 26 -0.92 6.40 -7.11
CA GLU A 26 -2.11 6.36 -7.96
C GLU A 26 -1.84 6.90 -9.35
N THR A 27 -0.93 7.86 -9.46
CA THR A 27 -0.67 8.53 -10.74
C THR A 27 0.49 7.90 -11.52
N HIS A 28 1.17 6.94 -10.92
CA HIS A 28 2.21 6.17 -11.62
C HIS A 28 1.60 5.42 -12.79
N GLU A 29 2.30 5.34 -13.92
CA GLU A 29 1.71 4.71 -15.11
C GLU A 29 1.52 3.19 -14.92
N ASP A 30 2.26 2.58 -14.00
CA ASP A 30 2.11 1.16 -13.76
C ASP A 30 1.15 0.88 -12.59
N ALA A 31 0.37 1.87 -12.19
CA ALA A 31 -0.55 1.69 -11.07
C ALA A 31 -1.84 0.96 -11.48
N TRP A 32 -2.07 0.83 -12.78
CA TRP A 32 -3.38 0.36 -13.26
C TRP A 32 -3.84 -1.00 -12.73
N PRO A 33 -2.92 -1.95 -12.43
CA PRO A 33 -3.52 -3.16 -11.87
C PRO A 33 -4.02 -3.02 -10.42
N PHE A 34 -3.69 -1.90 -9.77
CA PHE A 34 -3.85 -1.78 -8.32
C PHE A 34 -4.81 -0.67 -7.90
N LEU A 35 -5.45 -0.03 -8.87
CA LEU A 35 -6.29 1.14 -8.61
C LEU A 35 -7.62 0.74 -7.98
N LEU A 36 -8.14 -0.42 -8.39
CA LEU A 36 -9.43 -0.91 -7.92
C LEU A 36 -9.29 -2.33 -7.38
N PRO A 37 -10.24 -2.76 -6.53
CA PRO A 37 -10.18 -4.15 -6.06
C PRO A 37 -10.16 -5.13 -7.23
N VAL A 38 -9.42 -6.22 -7.10
CA VAL A 38 -9.55 -7.33 -8.04
C VAL A 38 -10.99 -7.84 -7.93
N ASN A 39 -11.62 -8.11 -9.06
CA ASN A 39 -13.01 -8.54 -9.09
C ASN A 39 -13.12 -10.02 -8.66
N LEU A 40 -13.59 -10.25 -7.44
CA LEU A 40 -13.60 -11.60 -6.88
C LEU A 40 -14.58 -12.52 -7.58
N LYS A 41 -15.57 -11.95 -8.25
CA LYS A 41 -16.56 -12.78 -8.94
C LYS A 41 -16.09 -13.20 -10.32
N LEU A 42 -15.10 -12.50 -10.87
CA LEU A 42 -14.66 -12.79 -12.24
C LEU A 42 -13.27 -13.38 -12.36
N VAL A 43 -12.44 -13.23 -11.34
CA VAL A 43 -11.09 -13.77 -11.41
C VAL A 43 -10.96 -15.10 -10.68
N PRO A 44 -10.76 -16.19 -11.43
CA PRO A 44 -10.65 -17.53 -10.83
C PRO A 44 -9.56 -17.59 -9.76
N GLY A 45 -9.83 -18.27 -8.67
CA GLY A 45 -8.83 -18.53 -7.65
C GLY A 45 -8.58 -17.39 -6.66
N TYR A 46 -8.80 -16.15 -7.08
CA TYR A 46 -8.35 -15.00 -6.29
C TYR A 46 -8.98 -14.94 -4.90
N LYS A 47 -10.29 -15.13 -4.81
CA LYS A 47 -10.97 -15.04 -3.51
C LYS A 47 -10.45 -16.11 -2.53
N LYS A 48 -10.24 -17.32 -3.03
CA LYS A 48 -9.78 -18.42 -2.17
C LYS A 48 -8.30 -18.27 -1.79
N VAL A 49 -7.49 -17.85 -2.73
CA VAL A 49 -6.05 -17.82 -2.56
C VAL A 49 -5.58 -16.58 -1.78
N ILE A 50 -6.16 -15.43 -2.08
CA ILE A 50 -5.72 -14.16 -1.49
C ILE A 50 -6.59 -13.78 -0.29
N LYS A 51 -6.09 -14.07 0.89
CA LYS A 51 -6.90 -13.97 2.10
C LYS A 51 -7.27 -12.53 2.44
N LYS A 52 -6.37 -11.60 2.15
CA LYS A 52 -6.61 -10.20 2.45
C LYS A 52 -6.31 -9.34 1.23
N PRO A 53 -7.30 -9.22 0.33
CA PRO A 53 -7.15 -8.38 -0.86
C PRO A 53 -7.01 -6.91 -0.47
N MET A 54 -6.15 -6.18 -1.19
CA MET A 54 -5.99 -4.75 -0.92
C MET A 54 -5.66 -4.04 -2.22
N ASP A 55 -6.04 -2.76 -2.33
CA ASP A 55 -5.77 -1.97 -3.53
C ASP A 55 -5.71 -0.50 -3.16
N PHE A 56 -5.27 0.36 -4.09
CA PHE A 56 -5.07 1.78 -3.75
C PHE A 56 -6.37 2.48 -3.37
N SER A 57 -7.47 2.17 -4.06
CA SER A 57 -8.72 2.88 -3.74
C SER A 57 -9.19 2.52 -2.35
N THR A 58 -8.93 1.28 -1.94
CA THR A 58 -9.36 0.87 -0.60
C THR A 58 -8.46 1.55 0.42
N ILE A 59 -7.18 1.64 0.11
CA ILE A 59 -6.26 2.32 0.99
C ILE A 59 -6.63 3.80 1.09
N ARG A 60 -6.99 4.41 -0.04
CA ARG A 60 -7.40 5.80 -0.05
C ARG A 60 -8.64 6.02 0.82
N GLU A 61 -9.62 5.12 0.73
CA GLU A 61 -10.82 5.23 1.54
C GLU A 61 -10.49 5.13 3.03
N LYS A 62 -9.66 4.16 3.39
CA LYS A 62 -9.25 3.94 4.78
C LYS A 62 -8.48 5.15 5.34
N LEU A 63 -7.63 5.74 4.51
CA LEU A 63 -6.85 6.89 4.93
C LEU A 63 -7.73 8.11 5.18
N SER A 64 -8.71 8.31 4.30
CA SER A 64 -9.61 9.45 4.35
C SER A 64 -10.62 9.36 5.48
N SER A 65 -10.75 8.19 6.09
CA SER A 65 -11.78 7.95 7.09
C SER A 65 -11.16 7.55 8.42
N GLY A 66 -9.87 7.84 8.60
CA GLY A 66 -9.21 7.64 9.86
C GLY A 66 -9.07 6.18 10.29
N GLN A 67 -8.92 5.29 9.33
CA GLN A 67 -8.81 3.87 9.64
C GLN A 67 -7.37 3.36 9.77
N TYR A 68 -6.38 4.22 9.56
CA TYR A 68 -5.00 3.86 9.90
C TYR A 68 -4.59 4.53 11.20
N PRO A 69 -4.33 3.73 12.24
CA PRO A 69 -3.93 4.32 13.52
C PRO A 69 -2.54 4.97 13.47
N ASN A 70 -1.70 4.57 12.52
CA ASN A 70 -0.36 5.15 12.43
C ASN A 70 0.32 4.92 11.08
N LEU A 71 1.52 5.48 10.95
CA LEU A 71 2.37 5.30 9.76
C LEU A 71 2.46 3.88 9.27
N GLU A 72 2.82 3.00 10.20
CA GLU A 72 3.15 1.64 9.88
C GLU A 72 1.99 0.82 9.37
N THR A 73 0.78 1.07 9.89
CA THR A 73 -0.37 0.32 9.43
C THR A 73 -0.67 0.70 7.99
N PHE A 74 -0.44 1.95 7.64
CA PHE A 74 -0.58 2.38 6.27
C PHE A 74 0.43 1.64 5.35
N ALA A 75 1.69 1.58 5.77
CA ALA A 75 2.71 0.94 4.97
C ALA A 75 2.43 -0.55 4.80
N LEU A 76 1.89 -1.16 5.85
CA LEU A 76 1.52 -2.58 5.81
C LEU A 76 0.49 -2.88 4.72
N ASP A 77 -0.51 -2.01 4.60
CA ASP A 77 -1.51 -2.19 3.54
C ASP A 77 -0.95 -1.97 2.14
N VAL A 78 -0.08 -0.97 1.98
CA VAL A 78 0.58 -0.76 0.69
C VAL A 78 1.40 -2.00 0.30
N ARG A 79 2.16 -2.53 1.25
CA ARG A 79 3.00 -3.69 0.96
C ARG A 79 2.13 -4.90 0.68
N LEU A 80 0.99 -4.99 1.35
CA LEU A 80 0.04 -6.07 1.15
C LEU A 80 -0.42 -6.14 -0.31
N VAL A 81 -0.65 -4.98 -0.91
CA VAL A 81 -1.00 -4.91 -2.33
C VAL A 81 0.05 -5.67 -3.17
N PHE A 82 1.31 -5.41 -2.89
CA PHE A 82 2.37 -5.96 -3.75
C PHE A 82 2.69 -7.41 -3.37
N ASP A 83 2.51 -7.76 -2.09
CA ASP A 83 2.65 -9.13 -1.65
C ASP A 83 1.60 -10.02 -2.29
N ASN A 84 0.37 -9.51 -2.36
CA ASN A 84 -0.71 -10.23 -3.01
C ASN A 84 -0.38 -10.43 -4.48
N CYS A 85 0.12 -9.37 -5.11
CA CYS A 85 0.42 -9.39 -6.54
C CYS A 85 1.47 -10.46 -6.85
N GLU A 86 2.47 -10.59 -5.98
CA GLU A 86 3.52 -11.59 -6.16
C GLU A 86 2.97 -12.99 -5.99
N THR A 87 2.05 -13.16 -5.04
CA THR A 87 1.46 -14.46 -4.78
C THR A 87 0.69 -14.99 -5.99
N PHE A 88 0.02 -14.10 -6.71
CA PHE A 88 -0.94 -14.51 -7.73
C PHE A 88 -0.43 -14.41 -9.15
N ASN A 89 0.62 -13.62 -9.36
CA ASN A 89 1.11 -13.34 -10.70
C ASN A 89 2.57 -13.74 -10.88
N GLU A 90 2.89 -14.34 -12.03
CA GLU A 90 4.27 -14.68 -12.32
C GLU A 90 5.09 -13.40 -12.43
N ASP A 91 6.35 -13.46 -12.01
CA ASP A 91 7.25 -12.33 -12.12
C ASP A 91 7.37 -11.82 -13.56
N ASP A 92 7.39 -12.76 -14.51
CA ASP A 92 7.50 -12.43 -15.93
C ASP A 92 6.12 -12.30 -16.57
N SER A 93 5.36 -11.33 -16.09
CA SER A 93 4.07 -10.96 -16.63
C SER A 93 3.97 -9.46 -16.49
N ASP A 94 3.09 -8.82 -17.25
CA ASP A 94 2.97 -7.37 -17.17
C ASP A 94 2.58 -6.95 -15.76
N ILE A 95 1.61 -7.65 -15.17
CA ILE A 95 1.14 -7.29 -13.84
C ILE A 95 2.21 -7.59 -12.80
N GLY A 96 2.86 -8.74 -12.96
CA GLY A 96 3.99 -9.10 -12.11
C GLY A 96 5.09 -8.05 -12.08
N ARG A 97 5.47 -7.56 -13.26
CA ARG A 97 6.50 -6.53 -13.35
C ARG A 97 6.01 -5.22 -12.76
N ALA A 98 4.74 -4.92 -12.97
CA ALA A 98 4.11 -3.71 -12.43
C ALA A 98 4.26 -3.69 -10.91
N GLY A 99 4.00 -4.83 -10.30
CA GLY A 99 4.02 -4.95 -8.84
C GLY A 99 5.40 -4.66 -8.29
N HIS A 100 6.42 -5.22 -8.94
CA HIS A 100 7.82 -5.03 -8.56
C HIS A 100 8.23 -3.58 -8.71
N ASN A 101 7.89 -2.98 -9.85
CA ASN A 101 8.15 -1.56 -10.09
C ASN A 101 7.50 -0.66 -9.02
N MET A 102 6.22 -0.91 -8.73
CA MET A 102 5.47 -0.07 -7.77
C MET A 102 5.99 -0.23 -6.35
N ARG A 103 6.39 -1.45 -5.98
CA ARG A 103 6.95 -1.67 -4.66
C ARG A 103 8.26 -0.91 -4.50
N LYS A 104 9.11 -0.99 -5.52
CA LYS A 104 10.36 -0.25 -5.51
C LYS A 104 10.08 1.24 -5.38
N TYR A 105 9.13 1.71 -6.19
CA TYR A 105 8.72 3.09 -6.19
C TYR A 105 8.25 3.56 -4.80
N PHE A 106 7.41 2.74 -4.17
CA PHE A 106 6.89 3.06 -2.85
C PHE A 106 7.99 3.14 -1.81
N GLU A 107 8.83 2.11 -1.75
CA GLU A 107 9.79 2.00 -0.67
C GLU A 107 10.79 3.15 -0.68
N LYS A 108 11.07 3.68 -1.86
CA LYS A 108 11.94 4.85 -1.97
C LYS A 108 11.27 6.10 -1.41
N LYS A 109 10.02 6.33 -1.84
CA LYS A 109 9.27 7.48 -1.35
C LYS A 109 9.11 7.35 0.17
N TRP A 110 8.99 6.12 0.65
CA TRP A 110 8.79 5.87 2.07
C TRP A 110 10.05 6.21 2.85
N THR A 111 11.19 5.70 2.37
CA THR A 111 12.49 5.99 2.96
C THR A 111 12.79 7.49 2.92
N ASP A 112 12.64 8.10 1.75
CA ASP A 112 12.93 9.52 1.60
C ASP A 112 12.05 10.39 2.48
N THR A 113 10.79 9.99 2.65
CA THR A 113 9.82 10.85 3.33
C THR A 113 9.92 10.75 4.85
N PHE A 114 10.26 9.58 5.37
CA PHE A 114 10.20 9.34 6.82
C PHE A 114 11.49 8.84 7.43
N LYS A 115 12.54 8.65 6.63
CA LYS A 115 13.82 8.17 7.15
C LYS A 115 14.97 9.09 6.75
O2 5K3 B . -3.51 -9.51 -9.39
C1 5K3 B . -4.20 -8.81 -10.12
O 5K3 B . -4.10 -7.41 -10.03
C 5K3 B . -3.39 -6.93 -8.86
C2 5K3 B . -4.69 -9.36 -11.46
C3 5K3 B . -4.91 -10.89 -11.41
C4 5K3 B . -5.32 -11.31 -12.81
C9 5K3 B . -4.39 -11.86 -13.67
C8 5K3 B . -4.80 -12.26 -15.08
C7 5K3 B . -6.09 -12.10 -15.49
O1 5K3 B . -6.47 -12.48 -16.81
C6 5K3 B . -7.13 -11.50 -14.54
C5 5K3 B . -6.76 -11.12 -13.27
#